data_9F4U
#
_entry.id   9F4U
#
_cell.length_a   38.029
_cell.length_b   43.907
_cell.length_c   56.007
_cell.angle_alpha   90.000
_cell.angle_beta   94.140
_cell.angle_gamma   90.000
#
_symmetry.space_group_name_H-M   'P 1 21 1'
#
loop_
_entity.id
_entity.type
_entity.pdbx_description
1 polymer 'Heterogeneous nuclear ribonucleoprotein A1, N-terminally processed'
2 non-polymer ~{N}-(1~{H}-benzimidazol-2-ylmethyl)-2-methoxy-ethanamide
3 water water
#
_entity_poly.entity_id   1
_entity_poly.type   'polypeptide(L)'
_entity_poly.pdbx_seq_one_letter_code
;GPMGSKSESPKEPEQLRKLFIGGLSFETTDESLRSHFEQWGTLTDCVVMRDPNTKRSRGFGFVTYATVEEVDAAMNARPH
KVDGRVVEPKRAVSREDSQRPGAHLTVKKIFVGGIKEDTEEHHLRDYFEQYGKIEVIEIMTDRGSGKKRGFAFVTFDDHD
SVDKIVIQKYHTVNGHNCEVRKALSKQEMASASSSQRG
;
_entity_poly.pdbx_strand_id   A
#
# COMPACT_ATOMS: atom_id res chain seq x y z
N PRO A 10 20.97 -1.14 8.77
CA PRO A 10 21.23 -0.72 7.39
C PRO A 10 19.97 -0.25 6.65
N LYS A 11 20.02 -0.29 5.33
CA LYS A 11 18.97 0.28 4.51
C LYS A 11 17.89 -0.77 4.22
N GLU A 12 16.63 -0.32 4.21
CA GLU A 12 15.54 -1.20 3.81
C GLU A 12 15.77 -1.64 2.36
N PRO A 13 15.34 -2.84 2.00
CA PRO A 13 15.44 -3.28 0.60
C PRO A 13 14.86 -2.25 -0.34
N GLU A 14 15.61 -1.99 -1.43
CA GLU A 14 15.20 -1.00 -2.42
C GLU A 14 13.79 -1.23 -2.94
N GLN A 15 13.40 -2.50 -3.11
CA GLN A 15 12.07 -2.79 -3.63
C GLN A 15 10.98 -2.18 -2.77
N LEU A 16 11.22 -2.08 -1.47
CA LEU A 16 10.19 -1.55 -0.52
C LEU A 16 10.25 -0.01 -0.43
N ARG A 17 11.17 0.59 -1.17
CA ARG A 17 11.32 2.07 -1.14
C ARG A 17 10.87 2.70 -2.48
N LYS A 18 10.33 1.87 -3.36
CA LYS A 18 9.91 2.35 -4.70
C LYS A 18 8.41 2.66 -4.75
N LEU A 19 8.08 3.67 -5.54
CA LEU A 19 6.65 3.90 -5.86
C LEU A 19 6.52 3.84 -7.39
N PHE A 20 5.63 3.05 -7.83
N PHE A 20 5.63 3.03 -7.83
CA PHE A 20 5.34 3.00 -9.28
CA PHE A 20 5.34 3.00 -9.28
C PHE A 20 4.26 4.02 -9.54
C PHE A 20 4.26 4.04 -9.52
N ILE A 21 4.54 5.01 -10.39
CA ILE A 21 3.58 6.10 -10.63
C ILE A 21 2.91 5.94 -11.99
N GLY A 22 1.62 5.64 -11.98
CA GLY A 22 0.88 5.55 -13.23
C GLY A 22 0.09 6.81 -13.51
N GLY A 23 -0.41 6.92 -14.73
CA GLY A 23 -1.29 8.04 -15.08
C GLY A 23 -0.54 9.34 -15.32
N LEU A 24 0.77 9.27 -15.63
CA LEU A 24 1.51 10.50 -15.80
C LEU A 24 1.03 11.26 -17.01
N SER A 25 1.09 12.58 -16.92
CA SER A 25 1.08 13.39 -18.13
C SER A 25 2.25 12.99 -19.02
N PHE A 26 2.00 12.90 -20.32
CA PHE A 26 3.08 12.61 -21.27
C PHE A 26 4.15 13.70 -21.27
N GLU A 27 3.86 14.88 -20.72
CA GLU A 27 4.86 15.94 -20.62
C GLU A 27 5.70 15.88 -19.35
N THR A 28 5.40 14.97 -18.42
CA THR A 28 6.24 14.82 -17.24
C THR A 28 7.59 14.22 -17.62
N THR A 29 8.65 14.76 -17.04
CA THR A 29 10.02 14.34 -17.29
C THR A 29 10.63 13.78 -16.01
N ASP A 30 11.80 13.15 -16.14
CA ASP A 30 12.54 12.71 -14.96
C ASP A 30 12.66 13.86 -13.98
N GLU A 31 12.98 15.04 -14.51
CA GLU A 31 13.23 16.20 -13.68
C GLU A 31 11.96 16.70 -13.00
N SER A 32 10.84 16.76 -13.73
CA SER A 32 9.63 17.28 -13.10
C SER A 32 9.01 16.27 -12.14
N LEU A 33 9.12 14.97 -12.44
CA LEU A 33 8.66 13.96 -11.49
C LEU A 33 9.50 14.02 -10.22
N ARG A 34 10.81 14.21 -10.37
CA ARG A 34 11.69 14.31 -9.21
C ARG A 34 11.36 15.54 -8.37
N SER A 35 11.24 16.70 -9.00
CA SER A 35 10.96 17.92 -8.23
C SER A 35 9.66 17.77 -7.46
N HIS A 36 8.67 17.09 -8.04
CA HIS A 36 7.42 16.88 -7.32
C HIS A 36 7.63 15.97 -6.11
N PHE A 37 8.18 14.77 -6.33
CA PHE A 37 8.19 13.78 -5.26
C PHE A 37 9.27 14.03 -4.23
N GLU A 38 10.27 14.87 -4.52
CA GLU A 38 11.22 15.25 -3.49
C GLU A 38 10.60 16.05 -2.36
N GLN A 39 9.36 16.51 -2.49
CA GLN A 39 8.71 17.16 -1.36
C GLN A 39 8.56 16.22 -0.16
N TRP A 40 8.53 14.91 -0.37
CA TRP A 40 8.27 13.96 0.72
C TRP A 40 9.46 13.10 1.09
N GLY A 41 10.63 13.34 0.51
CA GLY A 41 11.81 12.60 0.92
C GLY A 41 12.91 12.69 -0.11
N THR A 42 14.05 12.14 0.28
CA THR A 42 15.21 12.04 -0.60
C THR A 42 14.97 10.97 -1.65
N LEU A 43 15.11 11.32 -2.92
CA LEU A 43 14.94 10.37 -4.02
C LEU A 43 16.30 9.89 -4.49
N THR A 44 16.53 8.58 -4.38
CA THR A 44 17.75 7.97 -4.92
C THR A 44 17.61 7.60 -6.39
N ASP A 45 16.39 7.60 -6.93
CA ASP A 45 16.14 7.27 -8.32
C ASP A 45 14.80 7.88 -8.72
N CYS A 46 14.68 8.23 -9.99
CA CYS A 46 13.44 8.80 -10.51
C CYS A 46 13.47 8.70 -12.03
N VAL A 47 12.55 7.93 -12.61
CA VAL A 47 12.59 7.59 -14.03
C VAL A 47 11.18 7.69 -14.60
N VAL A 48 11.05 8.37 -15.75
CA VAL A 48 9.84 8.31 -16.58
C VAL A 48 10.11 7.28 -17.67
N MET A 49 9.19 6.35 -17.86
CA MET A 49 9.40 5.30 -18.85
C MET A 49 9.01 5.87 -20.21
N ARG A 50 9.86 5.63 -21.22
CA ARG A 50 9.67 6.18 -22.55
C ARG A 50 9.83 5.10 -23.61
N ASP A 51 9.24 5.34 -24.77
CA ASP A 51 9.45 4.46 -25.89
C ASP A 51 10.91 4.51 -26.34
N PRO A 52 11.53 3.37 -26.64
CA PRO A 52 12.97 3.39 -27.00
C PRO A 52 13.26 4.05 -28.33
N ASN A 53 12.29 4.13 -29.24
CA ASN A 53 12.49 4.73 -30.55
C ASN A 53 12.00 6.17 -30.63
N THR A 54 10.77 6.44 -30.18
CA THR A 54 10.19 7.78 -30.33
C THR A 54 10.52 8.71 -29.17
N LYS A 55 10.96 8.17 -28.03
CA LYS A 55 11.15 8.91 -26.78
C LYS A 55 9.85 9.44 -26.19
N ARG A 56 8.71 9.10 -26.78
CA ARG A 56 7.43 9.55 -26.23
C ARG A 56 7.17 8.80 -24.94
N SER A 57 6.73 9.53 -23.91
CA SER A 57 6.41 8.93 -22.62
C SER A 57 5.42 7.78 -22.76
N ARG A 58 5.63 6.75 -21.95
CA ARG A 58 4.69 5.65 -21.80
C ARG A 58 3.64 5.95 -20.73
N GLY A 59 3.71 7.12 -20.10
CA GLY A 59 2.69 7.52 -19.15
C GLY A 59 2.84 6.94 -17.77
N PHE A 60 4.00 6.38 -17.46
CA PHE A 60 4.24 5.87 -16.10
C PHE A 60 5.73 5.96 -15.82
N GLY A 61 6.05 5.81 -14.55
CA GLY A 61 7.45 5.88 -14.15
C GLY A 61 7.56 5.36 -12.74
N PHE A 62 8.72 5.61 -12.13
N PHE A 62 8.71 5.62 -12.12
CA PHE A 62 8.92 5.17 -10.72
CA PHE A 62 8.94 5.14 -10.74
C PHE A 62 9.87 6.09 -10.01
C PHE A 62 9.88 6.07 -10.01
N VAL A 63 9.74 6.12 -8.68
CA VAL A 63 10.66 6.94 -7.88
C VAL A 63 11.14 6.01 -6.76
N THR A 64 12.37 6.21 -6.31
CA THR A 64 12.90 5.42 -5.18
C THR A 64 13.30 6.38 -4.08
N TYR A 65 12.68 6.21 -2.92
CA TYR A 65 13.03 7.00 -1.75
C TYR A 65 14.17 6.37 -0.96
N ALA A 66 14.77 7.16 -0.08
CA ALA A 66 15.85 6.65 0.75
C ALA A 66 15.34 5.74 1.87
N THR A 67 14.09 5.93 2.32
CA THR A 67 13.55 5.14 3.43
C THR A 67 12.07 4.83 3.18
N VAL A 68 11.60 3.80 3.87
CA VAL A 68 10.19 3.42 3.82
C VAL A 68 9.30 4.51 4.42
N GLU A 69 9.76 5.19 5.49
CA GLU A 69 8.97 6.28 6.05
C GLU A 69 8.70 7.36 5.02
N GLU A 70 9.65 7.61 4.11
CA GLU A 70 9.42 8.57 3.03
C GLU A 70 8.38 8.07 2.05
N VAL A 71 8.39 6.78 1.72
CA VAL A 71 7.31 6.22 0.90
C VAL A 71 5.96 6.49 1.56
N ASP A 72 5.88 6.22 2.87
CA ASP A 72 4.64 6.44 3.61
C ASP A 72 4.22 7.91 3.51
N ALA A 73 5.17 8.83 3.67
CA ALA A 73 4.83 10.26 3.60
C ALA A 73 4.28 10.61 2.23
N ALA A 74 4.89 10.09 1.17
CA ALA A 74 4.38 10.36 -0.18
C ALA A 74 2.99 9.79 -0.36
N MET A 75 2.76 8.55 0.09
CA MET A 75 1.43 7.97 -0.05
C MET A 75 0.41 8.73 0.79
N ASN A 76 0.81 9.22 1.97
CA ASN A 76 -0.12 9.98 2.80
C ASN A 76 -0.45 11.34 2.22
N ALA A 77 0.34 11.83 1.26
CA ALA A 77 0.11 13.11 0.61
C ALA A 77 -0.71 12.99 -0.67
N ARG A 78 -1.18 11.79 -1.03
CA ARG A 78 -2.12 11.69 -2.13
C ARG A 78 -3.39 12.48 -1.81
N PRO A 79 -4.11 12.95 -2.84
CA PRO A 79 -3.83 12.75 -4.28
C PRO A 79 -2.72 13.65 -4.75
N HIS A 80 -1.88 13.12 -5.64
CA HIS A 80 -0.79 13.87 -6.24
C HIS A 80 -1.18 14.36 -7.62
N LYS A 81 -1.12 15.67 -7.82
CA LYS A 81 -1.33 16.26 -9.13
C LYS A 81 0.05 16.67 -9.61
N VAL A 82 0.55 15.97 -10.64
CA VAL A 82 1.90 16.15 -11.14
C VAL A 82 1.77 16.71 -12.55
N ASP A 83 2.31 17.92 -12.76
CA ASP A 83 2.22 18.54 -14.08
C ASP A 83 0.79 18.61 -14.59
N GLY A 84 -0.16 18.88 -13.68
CA GLY A 84 -1.53 19.11 -14.05
C GLY A 84 -2.44 17.89 -14.07
N ARG A 85 -1.93 16.70 -13.79
CA ARG A 85 -2.70 15.47 -13.89
C ARG A 85 -2.60 14.70 -12.58
N VAL A 86 -3.73 14.20 -12.09
CA VAL A 86 -3.70 13.36 -10.91
C VAL A 86 -3.13 12.00 -11.29
N VAL A 87 -2.07 11.58 -10.60
CA VAL A 87 -1.36 10.35 -10.93
C VAL A 87 -1.75 9.27 -9.93
N GLU A 88 -1.26 8.05 -10.16
CA GLU A 88 -1.62 6.88 -9.35
C GLU A 88 -0.37 6.20 -8.81
N PRO A 89 0.09 6.57 -7.61
CA PRO A 89 1.26 5.90 -7.03
C PRO A 89 0.86 4.62 -6.32
N LYS A 90 1.68 3.59 -6.48
CA LYS A 90 1.49 2.33 -5.79
C LYS A 90 2.85 1.78 -5.38
N ARG A 91 2.90 1.12 -4.23
CA ARG A 91 4.11 0.42 -3.85
C ARG A 91 4.31 -0.82 -4.71
N ALA A 92 5.48 -1.44 -4.53
CA ALA A 92 5.75 -2.72 -5.18
C ALA A 92 5.02 -3.84 -4.46
N HIS A 104 0.52 -5.62 -9.94
CA HIS A 104 -0.02 -5.22 -8.64
C HIS A 104 -1.49 -5.62 -8.55
N LEU A 105 -1.82 -6.44 -7.56
CA LEU A 105 -3.20 -6.84 -7.32
C LEU A 105 -3.76 -5.83 -6.32
N THR A 106 -4.52 -4.85 -6.82
CA THR A 106 -4.89 -3.68 -6.03
C THR A 106 -6.24 -3.92 -5.37
N VAL A 107 -6.22 -4.22 -4.07
CA VAL A 107 -7.44 -4.51 -3.33
C VAL A 107 -7.43 -3.76 -2.01
N LYS A 108 -8.62 -3.65 -1.41
CA LYS A 108 -8.83 -2.94 -0.15
C LYS A 108 -9.18 -3.86 1.00
N LYS A 109 -9.14 -5.17 0.80
CA LYS A 109 -9.63 -6.12 1.80
C LYS A 109 -8.56 -7.17 2.09
N ILE A 110 -8.45 -7.54 3.37
CA ILE A 110 -7.52 -8.57 3.81
C ILE A 110 -8.26 -9.69 4.51
N PHE A 111 -7.71 -10.90 4.35
CA PHE A 111 -8.01 -12.04 5.18
C PHE A 111 -7.03 -12.05 6.34
N VAL A 112 -7.53 -12.28 7.55
CA VAL A 112 -6.71 -12.40 8.76
C VAL A 112 -7.02 -13.74 9.38
N GLY A 113 -6.05 -14.64 9.36
CA GLY A 113 -6.24 -15.98 9.89
C GLY A 113 -5.44 -16.24 11.15
N GLY A 114 -5.85 -17.25 11.90
CA GLY A 114 -5.14 -17.64 13.10
C GLY A 114 -5.53 -16.88 14.35
N ILE A 115 -6.69 -16.20 14.33
CA ILE A 115 -7.12 -15.40 15.48
C ILE A 115 -7.89 -16.22 16.51
N LYS A 116 -8.20 -17.48 16.19
CA LYS A 116 -8.85 -18.40 17.12
C LYS A 116 -10.23 -17.88 17.52
N GLU A 117 -10.74 -18.31 18.67
CA GLU A 117 -12.09 -17.94 19.07
C GLU A 117 -12.14 -16.75 20.04
N ASP A 118 -11.01 -16.34 20.60
CA ASP A 118 -11.01 -15.28 21.60
C ASP A 118 -10.77 -13.88 21.03
N THR A 119 -10.55 -13.75 19.72
CA THR A 119 -10.26 -12.45 19.14
C THR A 119 -11.56 -11.74 18.77
N GLU A 120 -11.67 -10.48 19.19
CA GLU A 120 -12.86 -9.65 19.04
C GLU A 120 -12.58 -8.49 18.09
N GLU A 121 -13.66 -7.79 17.73
CA GLU A 121 -13.56 -6.68 16.78
C GLU A 121 -12.56 -5.63 17.23
N HIS A 122 -12.57 -5.28 18.51
CA HIS A 122 -11.73 -4.19 18.99
C HIS A 122 -10.25 -4.54 18.90
N HIS A 123 -9.89 -5.82 19.07
CA HIS A 123 -8.50 -6.24 18.88
C HIS A 123 -8.05 -5.96 17.45
N LEU A 124 -8.88 -6.34 16.48
CA LEU A 124 -8.54 -6.13 15.08
C LEU A 124 -8.53 -4.65 14.74
N ARG A 125 -9.50 -3.90 15.27
CA ARG A 125 -9.57 -2.49 14.90
C ARG A 125 -8.41 -1.70 15.49
N ASP A 126 -8.07 -1.96 16.76
CA ASP A 126 -7.00 -1.19 17.39
C ASP A 126 -5.66 -1.40 16.68
N TYR A 127 -5.44 -2.61 16.17
CA TYR A 127 -4.21 -2.91 15.45
C TYR A 127 -4.26 -2.36 14.02
N PHE A 128 -5.27 -2.77 13.25
CA PHE A 128 -5.26 -2.45 11.84
C PHE A 128 -5.56 -0.98 11.54
N GLU A 129 -6.20 -0.25 12.46
CA GLU A 129 -6.49 1.16 12.20
C GLU A 129 -5.23 1.98 12.01
N GLN A 130 -4.09 1.48 12.46
CA GLN A 130 -2.84 2.19 12.26
C GLN A 130 -2.24 1.98 10.89
N TYR A 131 -2.82 1.09 10.08
CA TYR A 131 -2.45 0.92 8.68
C TYR A 131 -3.32 1.72 7.73
N GLY A 132 -4.55 2.02 8.12
CA GLY A 132 -5.44 2.79 7.27
C GLY A 132 -6.80 2.90 7.91
N LYS A 133 -7.69 3.58 7.20
CA LYS A 133 -9.05 3.80 7.69
C LYS A 133 -9.90 2.57 7.40
N ILE A 134 -10.44 1.97 8.45
CA ILE A 134 -11.21 0.74 8.35
C ILE A 134 -12.67 1.07 8.04
N GLU A 135 -13.24 0.35 7.08
CA GLU A 135 -14.67 0.47 6.79
C GLU A 135 -15.48 -0.72 7.26
N VAL A 136 -14.94 -1.94 7.23
CA VAL A 136 -15.67 -3.14 7.62
C VAL A 136 -14.72 -4.07 8.35
N ILE A 137 -15.19 -4.64 9.46
CA ILE A 137 -14.54 -5.76 10.11
C ILE A 137 -15.55 -6.89 10.19
N GLU A 138 -15.20 -8.04 9.64
CA GLU A 138 -16.10 -9.18 9.60
C GLU A 138 -15.40 -10.36 10.28
N ILE A 139 -15.79 -10.65 11.52
CA ILE A 139 -15.30 -11.84 12.22
C ILE A 139 -16.16 -13.02 11.82
N MET A 140 -15.54 -14.04 11.24
CA MET A 140 -16.29 -15.16 10.68
C MET A 140 -16.76 -16.14 11.74
N THR A 141 -18.01 -16.55 11.61
CA THR A 141 -18.65 -17.49 12.51
C THR A 141 -19.23 -18.63 11.70
N ASP A 142 -19.39 -19.76 12.39
CA ASP A 142 -19.92 -20.95 11.74
C ASP A 142 -21.40 -20.79 11.41
N ARG A 143 -21.75 -21.12 10.16
CA ARG A 143 -23.10 -20.94 9.65
C ARG A 143 -24.11 -21.73 10.47
N GLY A 144 -23.70 -22.87 11.02
CA GLY A 144 -24.60 -23.74 11.76
C GLY A 144 -24.66 -23.45 13.24
N SER A 145 -23.51 -23.24 13.87
CA SER A 145 -23.42 -23.15 15.33
C SER A 145 -23.22 -21.74 15.84
N GLY A 146 -22.79 -20.82 14.99
CA GLY A 146 -22.45 -19.49 15.44
C GLY A 146 -21.09 -19.33 16.10
N LYS A 147 -20.34 -20.42 16.25
CA LYS A 147 -19.04 -20.32 16.91
C LYS A 147 -18.04 -19.63 15.99
N LYS A 148 -17.12 -18.91 16.61
CA LYS A 148 -16.08 -18.24 15.83
C LYS A 148 -15.21 -19.26 15.12
N ARG A 149 -14.88 -18.97 13.87
CA ARG A 149 -14.10 -19.89 13.07
C ARG A 149 -12.60 -19.60 13.13
N GLY A 150 -12.19 -18.50 13.72
CA GLY A 150 -10.78 -18.18 13.82
C GLY A 150 -10.19 -17.40 12.68
N PHE A 151 -11.02 -16.70 11.90
CA PHE A 151 -10.51 -15.81 10.88
C PHE A 151 -11.49 -14.66 10.66
N ALA A 152 -11.00 -13.62 9.97
CA ALA A 152 -11.75 -12.41 9.79
C ALA A 152 -11.34 -11.74 8.50
N PHE A 153 -12.17 -10.81 8.06
CA PHE A 153 -11.83 -9.94 6.95
C PHE A 153 -11.91 -8.50 7.40
N VAL A 154 -10.95 -7.69 6.95
CA VAL A 154 -10.93 -6.26 7.23
C VAL A 154 -10.90 -5.54 5.89
N THR A 155 -11.80 -4.58 5.72
CA THR A 155 -11.88 -3.77 4.50
C THR A 155 -11.51 -2.34 4.86
N PHE A 156 -10.57 -1.77 4.10
CA PHE A 156 -10.09 -0.41 4.29
C PHE A 156 -10.65 0.50 3.21
N ASP A 157 -10.48 1.80 3.39
CA ASP A 157 -10.96 2.73 2.36
C ASP A 157 -9.99 2.89 1.19
N ASP A 158 -8.83 2.22 1.22
CA ASP A 158 -7.83 2.48 0.19
C ASP A 158 -6.83 1.34 0.21
N HIS A 159 -6.23 1.08 -0.95
CA HIS A 159 -5.38 -0.10 -1.12
C HIS A 159 -4.02 0.02 -0.43
N ASP A 160 -3.52 1.23 -0.13
CA ASP A 160 -2.17 1.30 0.39
C ASP A 160 -2.07 0.66 1.76
N SER A 161 -3.13 0.74 2.56
N SER A 161 -3.15 0.72 2.55
CA SER A 161 -3.19 0.02 3.84
CA SER A 161 -3.19 0.03 3.84
C SER A 161 -2.87 -1.44 3.64
C SER A 161 -2.90 -1.45 3.67
N VAL A 162 -3.59 -2.09 2.72
CA VAL A 162 -3.37 -3.50 2.43
C VAL A 162 -1.95 -3.75 1.96
N ASP A 163 -1.43 -2.87 1.08
CA ASP A 163 -0.08 -3.07 0.56
C ASP A 163 0.95 -3.02 1.67
N LYS A 164 0.83 -2.09 2.62
CA LYS A 164 1.72 -2.04 3.76
C LYS A 164 1.60 -3.31 4.60
N ILE A 165 0.37 -3.79 4.79
CA ILE A 165 0.12 -4.92 5.67
C ILE A 165 0.78 -6.18 5.14
N VAL A 166 0.59 -6.46 3.85
CA VAL A 166 0.98 -7.78 3.34
C VAL A 166 2.47 -7.92 3.13
N ILE A 167 3.23 -6.83 3.17
CA ILE A 167 4.67 -6.93 3.04
C ILE A 167 5.37 -7.15 4.38
N GLN A 168 4.67 -6.98 5.50
CA GLN A 168 5.25 -7.31 6.79
C GLN A 168 5.45 -8.82 6.92
N LYS A 169 6.57 -9.21 7.54
CA LYS A 169 6.79 -10.63 7.82
C LYS A 169 5.84 -11.18 8.88
N TYR A 170 5.42 -10.35 9.84
CA TYR A 170 4.69 -10.79 11.04
C TYR A 170 3.53 -9.85 11.32
N HIS A 171 2.45 -10.43 11.85
CA HIS A 171 1.36 -9.66 12.44
C HIS A 171 0.95 -10.33 13.74
N THR A 172 1.00 -9.58 14.83
CA THR A 172 0.63 -10.07 16.16
C THR A 172 -0.60 -9.29 16.61
N VAL A 173 -1.69 -10.02 16.80
CA VAL A 173 -2.97 -9.44 17.23
C VAL A 173 -3.53 -10.33 18.33
N ASN A 174 -3.84 -9.73 19.47
CA ASN A 174 -4.42 -10.47 20.59
C ASN A 174 -3.52 -11.64 21.00
N GLY A 175 -2.21 -11.40 20.96
CA GLY A 175 -1.23 -12.42 21.28
C GLY A 175 -1.09 -13.53 20.28
N HIS A 176 -1.79 -13.48 19.16
CA HIS A 176 -1.74 -14.54 18.16
C HIS A 176 -0.84 -14.07 17.03
N ASN A 177 -0.01 -14.97 16.52
CA ASN A 177 0.73 -14.71 15.28
C ASN A 177 -0.20 -15.04 14.12
N CYS A 178 -0.60 -14.03 13.36
CA CYS A 178 -1.64 -14.18 12.36
C CYS A 178 -1.07 -14.33 10.95
N GLU A 179 -1.86 -14.99 10.10
CA GLU A 179 -1.62 -15.06 8.67
C GLU A 179 -2.49 -14.00 8.00
N VAL A 180 -1.89 -13.11 7.23
CA VAL A 180 -2.63 -12.03 6.60
C VAL A 180 -2.34 -12.05 5.11
N ARG A 181 -3.39 -12.02 4.30
CA ARG A 181 -3.24 -12.00 2.86
C ARG A 181 -4.30 -11.12 2.23
N LYS A 182 -4.04 -10.70 0.98
CA LYS A 182 -5.03 -9.98 0.22
C LYS A 182 -6.26 -10.87 -0.01
N ALA A 183 -7.44 -10.27 0.04
CA ALA A 183 -8.70 -10.98 -0.18
C ALA A 183 -9.43 -10.40 -1.39
N LEU A 184 -9.88 -11.28 -2.28
CA LEU A 184 -10.58 -10.93 -3.53
C LEU A 184 -10.14 -9.62 -4.18
#